data_3X36
#
_entry.id   3X36
#
_cell.length_a   44.819
_cell.length_b   51.270
_cell.length_c   132.166
_cell.angle_alpha   90.00
_cell.angle_beta   90.00
_cell.angle_gamma   90.00
#
_symmetry.space_group_name_H-M   'P 21 21 21'
#
loop_
_entity.id
_entity.type
_entity.pdbx_description
1 polymer 'Vitamin D3 receptor'
2 non-polymer (1R,3R)-5-[(2Z)-2-[(1R,3aS,7aR)-7a-methyl-1-[(2R)-6-methyl-6-oxidanyl-heptan-2-yl]-2,3,3a,5,6,7-hexahydro-1H-inden-4-ylidene]ethylidene]cyclohexane-1,3-diol
3 water water
#
_entity_poly.entity_id   1
_entity_poly.type   'polypeptide(L)'
_entity_poly.pdbx_seq_one_letter_code
;GSHMDSLRPKLSEEQQRIIAILLDAHHKTYDPTYSDFCQFRPPVRVNDGGGSVTLELSQLSMLPHLADLVSYSIQKVIGF
AKMIPGFRDLTSEDQIVLLKSSAIEVIMLRSNESFTMDDMSWTCGNQDYKYRVSDVTKAGHSLELIEPLIKFQVGLKKLN
LHEEEHVLLMAICIVSPDRPGVQDAALIEAIQDRLSNTLQTYIRCRHPPPGSHLLYAKMIQKLADLRSLNEEHSKQYRCL
SFQPECSMKLTPLVLEVFGNEIS
;
_entity_poly.pdbx_strand_id   A
#
loop_
_chem_comp.id
_chem_comp.type
_chem_comp.name
_chem_comp.formula
41W non-polymer (1R,3R)-5-[(2Z)-2-[(1R,3aS,7aR)-7a-methyl-1-[(2R)-6-methyl-6-oxidanyl-heptan-2-yl]-2,3,3a,5,6,7-hexahydro-1H-inden-4-ylidene]ethylidene]cyclohexane-1,3-diol 'C26 H44 O3'
#
# COMPACT_ATOMS: atom_id res chain seq x y z
N ASP A 5 -32.46 -14.97 -2.64
CA ASP A 5 -32.85 -13.61 -2.21
C ASP A 5 -31.83 -12.58 -2.78
N SER A 6 -30.69 -12.34 -2.12
CA SER A 6 -29.74 -11.25 -2.54
C SER A 6 -29.89 -10.58 -3.96
N LEU A 7 -30.29 -9.31 -3.97
CA LEU A 7 -30.41 -8.54 -5.20
C LEU A 7 -29.03 -8.21 -5.74
N ARG A 8 -28.97 -7.99 -7.05
CA ARG A 8 -27.72 -7.71 -7.72
C ARG A 8 -27.94 -6.49 -8.58
N PRO A 9 -28.05 -5.31 -7.94
CA PRO A 9 -28.19 -4.15 -8.80
C PRO A 9 -27.04 -4.04 -9.74
N LYS A 10 -27.30 -3.45 -10.90
CA LYS A 10 -26.28 -3.23 -11.87
C LYS A 10 -25.49 -1.99 -11.55
N LEU A 11 -24.24 -1.98 -12.02
CA LEU A 11 -23.38 -0.85 -11.82
C LEU A 11 -24.00 0.33 -12.51
N SER A 12 -24.18 1.46 -11.82
CA SER A 12 -24.61 2.69 -12.49
C SER A 12 -23.59 3.12 -13.54
N GLU A 13 -23.98 4.02 -14.43
CA GLU A 13 -23.02 4.58 -15.35
C GLU A 13 -21.94 5.35 -14.60
N GLU A 14 -22.28 5.97 -13.46
CA GLU A 14 -21.30 6.73 -12.70
C GLU A 14 -20.29 5.79 -12.00
N GLN A 15 -20.77 4.63 -11.53
CA GLN A 15 -19.91 3.64 -10.94
C GLN A 15 -18.94 3.10 -11.95
N GLN A 16 -19.41 2.89 -13.16
CA GLN A 16 -18.58 2.32 -14.20
C GLN A 16 -17.47 3.30 -14.54
N ARG A 17 -17.80 4.58 -14.54
N ARG A 17 -17.82 4.58 -14.57
CA ARG A 17 -16.84 5.62 -14.85
CA ARG A 17 -16.87 5.66 -14.79
C ARG A 17 -15.84 5.80 -13.70
C ARG A 17 -15.83 5.65 -13.71
N ILE A 18 -16.27 5.61 -12.47
CA ILE A 18 -15.34 5.53 -11.31
C ILE A 18 -14.30 4.41 -11.49
N ILE A 19 -14.79 3.19 -11.79
CA ILE A 19 -13.93 2.07 -12.07
C ILE A 19 -12.93 2.35 -13.21
N ALA A 20 -13.43 2.87 -14.33
CA ALA A 20 -12.54 3.20 -15.44
C ALA A 20 -11.48 4.25 -15.04
N ILE A 21 -11.91 5.30 -14.37
CA ILE A 21 -11.00 6.30 -13.80
C ILE A 21 -9.90 5.70 -12.93
N LEU A 22 -10.29 4.72 -12.09
CA LEU A 22 -9.34 4.18 -11.11
C LEU A 22 -8.41 3.23 -11.82
N LEU A 23 -8.88 2.48 -12.83
CA LEU A 23 -7.99 1.60 -13.58
C LEU A 23 -6.96 2.44 -14.33
N ASP A 24 -7.42 3.51 -15.00
CA ASP A 24 -6.54 4.36 -15.73
C ASP A 24 -5.52 5.04 -14.78
N ALA A 25 -5.97 5.50 -13.61
CA ALA A 25 -5.04 6.11 -12.65
C ALA A 25 -3.93 5.13 -12.20
N HIS A 26 -4.32 3.89 -11.91
CA HIS A 26 -3.36 2.85 -11.56
C HIS A 26 -2.36 2.58 -12.70
N HIS A 27 -2.88 2.45 -13.90
CA HIS A 27 -2.05 2.14 -15.07
C HIS A 27 -1.05 3.29 -15.34
N LYS A 28 -1.40 4.50 -14.95
CA LYS A 28 -0.55 5.67 -15.12
C LYS A 28 0.50 5.79 -14.04
N THR A 29 0.31 5.12 -12.90
CA THR A 29 1.13 5.30 -11.71
C THR A 29 1.77 4.01 -11.17
N TYR A 30 1.55 2.89 -11.83
CA TYR A 30 2.20 1.62 -11.41
C TYR A 30 2.76 0.97 -12.66
N ASP A 31 4.09 1.11 -12.84
CA ASP A 31 4.81 0.45 -13.93
C ASP A 31 5.03 -1.05 -13.59
N PRO A 32 4.28 -1.98 -14.27
CA PRO A 32 4.36 -3.42 -13.97
C PRO A 32 5.67 -4.05 -14.48
N THR A 33 6.54 -3.25 -15.11
CA THR A 33 7.88 -3.68 -15.53
C THR A 33 8.97 -3.16 -14.60
N TYR A 34 8.65 -2.24 -13.69
CA TYR A 34 9.69 -1.81 -12.67
C TYR A 34 10.95 -1.19 -13.31
N SER A 35 10.76 -0.50 -14.47
CA SER A 35 11.89 -0.02 -15.27
C SER A 35 12.61 1.19 -14.69
N ASP A 36 12.05 1.80 -13.65
CA ASP A 36 12.76 2.90 -12.98
C ASP A 36 13.70 2.46 -11.85
N PHE A 37 13.58 1.20 -11.41
CA PHE A 37 14.25 0.69 -10.21
C PHE A 37 15.78 0.77 -10.34
N CYS A 38 16.26 0.75 -11.59
CA CYS A 38 17.70 0.92 -11.85
C CYS A 38 18.22 2.34 -11.56
N GLN A 39 17.32 3.30 -11.37
CA GLN A 39 17.66 4.67 -10.95
C GLN A 39 17.82 4.85 -9.43
N PHE A 40 17.40 3.87 -8.66
CA PHE A 40 17.50 3.99 -7.20
C PHE A 40 18.98 3.74 -6.78
N ARG A 41 19.34 4.17 -5.57
CA ARG A 41 20.57 3.69 -4.98
C ARG A 41 20.50 2.17 -4.99
N PRO A 42 21.64 1.57 -5.30
CA PRO A 42 21.61 0.16 -5.60
C PRO A 42 21.40 -0.71 -4.37
N PRO A 43 20.83 -1.90 -4.57
CA PRO A 43 20.70 -2.81 -3.42
C PRO A 43 22.12 -3.28 -3.07
N VAL A 44 22.37 -3.54 -1.80
CA VAL A 44 23.61 -4.21 -1.35
C VAL A 44 23.19 -5.26 -0.32
N ARG A 45 23.59 -6.50 -0.54
CA ARG A 45 23.26 -7.56 0.38
C ARG A 45 24.52 -8.08 1.14
N VAL A 46 24.85 -7.48 2.30
CA VAL A 46 25.97 -8.00 3.16
C VAL A 46 25.55 -9.36 3.72
N ASN A 47 26.50 -10.26 3.95
CA ASN A 47 26.12 -11.54 4.54
C ASN A 47 25.83 -11.37 6.04
N ASP A 48 24.55 -11.43 6.39
CA ASP A 48 24.10 -11.44 7.79
C ASP A 48 23.25 -12.67 8.01
N GLY A 49 23.54 -13.69 7.19
CA GLY A 49 23.00 -15.04 7.26
C GLY A 49 22.26 -15.41 8.52
N GLY A 50 22.82 -15.03 9.68
CA GLY A 50 22.10 -15.18 10.95
C GLY A 50 21.05 -14.09 11.16
N SER A 52 21.66 -10.91 12.21
CA SER A 52 22.13 -10.23 13.47
C SER A 52 21.62 -8.78 13.49
N VAL A 53 20.95 -8.34 14.58
CA VAL A 53 20.35 -7.00 14.64
C VAL A 53 21.48 -5.98 14.62
N THR A 54 22.54 -6.29 15.40
CA THR A 54 23.76 -5.41 15.50
C THR A 54 24.44 -5.15 14.13
N LEU A 55 24.73 -6.22 13.42
CA LEU A 55 25.32 -6.16 12.08
C LEU A 55 24.15 -5.66 11.39
N GLU A 56 24.16 -4.77 10.48
CA GLU A 56 22.67 -4.73 9.94
C GLU A 56 22.07 -3.47 10.32
N LEU A 57 21.97 -3.22 11.63
CA LEU A 57 21.92 -1.80 12.07
C LEU A 57 23.27 -1.14 11.79
N SER A 58 24.37 -1.87 11.93
CA SER A 58 25.70 -1.31 11.64
C SER A 58 25.87 -0.97 10.14
N GLN A 59 25.24 -1.74 9.26
CA GLN A 59 25.44 -1.60 7.80
C GLN A 59 24.25 -0.94 7.10
N LEU A 60 23.05 -1.38 7.52
CA LEU A 60 21.78 -1.05 6.83
C LEU A 60 21.93 -1.15 5.31
N SER A 61 22.51 -2.23 4.82
CA SER A 61 22.99 -2.29 3.44
C SER A 61 21.84 -2.12 2.34
N MET A 62 20.64 -2.56 2.68
CA MET A 62 19.47 -2.47 1.82
C MET A 62 18.57 -1.27 2.03
N LEU A 63 18.93 -0.38 2.98
CA LEU A 63 18.08 0.72 3.34
C LEU A 63 18.04 1.81 2.27
N PRO A 64 19.20 2.22 1.72
CA PRO A 64 19.15 3.23 0.67
C PRO A 64 18.26 2.84 -0.53
N HIS A 65 18.40 1.61 -0.98
CA HIS A 65 17.62 1.08 -2.12
C HIS A 65 16.11 0.99 -1.76
N LEU A 66 15.80 0.31 -0.64
CA LEU A 66 14.41 0.27 -0.18
C LEU A 66 13.80 1.58 0.17
N ALA A 67 14.55 2.55 0.69
CA ALA A 67 13.98 3.85 0.99
C ALA A 67 13.66 4.60 -0.28
N ASP A 68 14.56 4.56 -1.26
CA ASP A 68 14.27 5.09 -2.61
C ASP A 68 13.05 4.45 -3.26
N LEU A 69 12.96 3.13 -3.17
CA LEU A 69 11.75 2.41 -3.63
C LEU A 69 10.49 2.87 -2.97
N VAL A 70 10.48 2.98 -1.65
CA VAL A 70 9.31 3.46 -0.93
C VAL A 70 9.08 4.94 -1.24
N SER A 71 10.13 5.74 -1.29
CA SER A 71 9.94 7.17 -1.63
C SER A 71 9.23 7.34 -3.01
N TYR A 72 9.75 6.64 -4.03
CA TYR A 72 9.16 6.59 -5.39
C TYR A 72 7.73 6.14 -5.36
N SER A 73 7.45 5.10 -4.54
CA SER A 73 6.07 4.60 -4.39
C SER A 73 5.17 5.63 -3.76
N ILE A 74 5.64 6.37 -2.74
CA ILE A 74 4.82 7.43 -2.14
C ILE A 74 4.42 8.46 -3.22
N GLN A 75 5.36 8.83 -4.07
CA GLN A 75 5.07 9.81 -5.16
C GLN A 75 3.96 9.27 -6.10
N LYS A 76 4.02 8.00 -6.47
CA LYS A 76 3.01 7.38 -7.38
C LYS A 76 1.67 7.33 -6.68
N VAL A 77 1.69 7.05 -5.39
CA VAL A 77 0.49 7.04 -4.59
C VAL A 77 -0.14 8.42 -4.49
N ILE A 78 0.68 9.47 -4.31
CA ILE A 78 0.12 10.82 -4.24
C ILE A 78 -0.53 11.16 -5.62
N GLY A 79 0.17 10.82 -6.68
CA GLY A 79 -0.44 10.85 -8.06
C GLY A 79 -1.71 10.03 -8.31
N PHE A 80 -1.78 8.82 -7.74
CA PHE A 80 -3.00 7.96 -7.80
C PHE A 80 -4.15 8.65 -7.07
N ALA A 81 -3.85 9.14 -5.86
CA ALA A 81 -4.85 9.82 -4.98
C ALA A 81 -5.54 11.00 -5.68
N LYS A 82 -4.73 11.80 -6.37
CA LYS A 82 -5.24 12.98 -7.04
CA LYS A 82 -5.20 12.97 -7.10
CA LYS A 82 -5.23 12.99 -7.08
C LYS A 82 -6.30 12.61 -8.09
N MET A 83 -6.23 11.40 -8.65
CA MET A 83 -7.23 10.94 -9.63
C MET A 83 -8.46 10.22 -9.03
N ILE A 84 -8.46 9.99 -7.71
CA ILE A 84 -9.59 9.35 -7.05
C ILE A 84 -10.76 10.28 -7.08
N PRO A 85 -11.89 9.85 -7.70
CA PRO A 85 -13.08 10.81 -7.80
C PRO A 85 -13.48 11.28 -6.40
N GLY A 86 -13.44 12.59 -6.16
CA GLY A 86 -13.80 13.13 -4.88
C GLY A 86 -12.62 13.71 -4.13
N PHE A 87 -11.43 13.12 -4.32
CA PHE A 87 -10.29 13.43 -3.44
C PHE A 87 -9.93 14.93 -3.46
N ARG A 88 -9.98 15.50 -4.67
CA ARG A 88 -9.68 16.93 -4.84
C ARG A 88 -10.78 17.86 -4.31
N ASP A 89 -11.99 17.36 -4.02
CA ASP A 89 -12.98 18.20 -3.32
C ASP A 89 -12.58 18.42 -1.85
N LEU A 90 -11.66 17.62 -1.32
CA LEU A 90 -11.19 17.80 0.04
C LEU A 90 -10.28 18.97 0.09
N THR A 91 -10.13 19.55 1.28
CA THR A 91 -9.15 20.60 1.53
C THR A 91 -7.79 19.97 1.36
N SER A 92 -6.82 20.76 0.86
CA SER A 92 -5.46 20.20 0.74
C SER A 92 -4.91 19.70 2.12
N GLU A 93 -5.32 20.33 3.23
N GLU A 93 -5.35 20.36 3.18
CA GLU A 93 -4.88 19.86 4.57
CA GLU A 93 -5.00 19.98 4.52
C GLU A 93 -5.37 18.42 4.84
C GLU A 93 -5.41 18.50 4.85
N ASP A 94 -6.61 18.12 4.46
CA ASP A 94 -7.13 16.75 4.67
C ASP A 94 -6.53 15.82 3.67
N GLN A 95 -6.31 16.31 2.45
CA GLN A 95 -5.67 15.48 1.43
C GLN A 95 -4.33 14.97 1.92
N ILE A 96 -3.57 15.86 2.51
CA ILE A 96 -2.27 15.44 3.01
C ILE A 96 -2.32 14.63 4.27
N VAL A 97 -3.26 14.92 5.15
CA VAL A 97 -3.40 14.04 6.33
C VAL A 97 -3.62 12.59 5.82
N LEU A 98 -4.48 12.46 4.83
CA LEU A 98 -4.89 11.13 4.39
C LEU A 98 -3.73 10.39 3.74
N LEU A 99 -2.99 11.11 2.90
CA LEU A 99 -1.83 10.54 2.18
C LEU A 99 -0.74 10.13 3.14
N LYS A 100 -0.46 10.98 4.12
CA LYS A 100 0.56 10.69 5.05
C LYS A 100 0.24 9.49 5.91
N SER A 101 -0.98 9.41 6.43
CA SER A 101 -1.38 8.27 7.27
C SER A 101 -1.63 6.95 6.49
N SER A 102 -1.99 7.02 5.22
CA SER A 102 -2.23 5.80 4.44
C SER A 102 -1.03 5.28 3.62
N ALA A 103 -0.04 6.14 3.38
CA ALA A 103 1.07 5.80 2.48
C ALA A 103 1.66 4.39 2.64
N ILE A 104 2.06 4.02 3.83
CA ILE A 104 2.66 2.71 3.98
C ILE A 104 1.66 1.59 3.72
N GLU A 105 0.40 1.76 4.07
CA GLU A 105 -0.62 0.76 3.80
C GLU A 105 -0.88 0.60 2.30
N VAL A 106 -0.92 1.69 1.58
CA VAL A 106 -1.18 1.63 0.16
C VAL A 106 0.05 1.01 -0.54
N ILE A 107 1.25 1.33 -0.07
CA ILE A 107 2.46 0.69 -0.57
C ILE A 107 2.41 -0.84 -0.34
N MET A 108 2.02 -1.25 0.87
CA MET A 108 1.88 -2.68 1.16
C MET A 108 0.86 -3.35 0.25
N LEU A 109 -0.27 -2.71 0.04
CA LEU A 109 -1.30 -3.22 -0.90
C LEU A 109 -0.83 -3.33 -2.36
N ARG A 110 -0.31 -2.22 -2.89
CA ARG A 110 0.19 -2.12 -4.27
C ARG A 110 1.36 -3.03 -4.58
N SER A 111 2.21 -3.26 -3.57
CA SER A 111 3.28 -4.23 -3.64
C SER A 111 2.77 -5.67 -3.91
N ASN A 112 1.49 -5.94 -3.63
CA ASN A 112 0.92 -7.29 -3.93
C ASN A 112 1.04 -7.69 -5.41
N GLU A 113 1.11 -6.69 -6.28
CA GLU A 113 1.24 -6.97 -7.71
C GLU A 113 2.66 -7.52 -8.08
N SER A 114 3.71 -7.21 -7.33
CA SER A 114 5.03 -7.81 -7.55
C SER A 114 5.24 -9.06 -6.70
N PHE A 115 4.43 -9.24 -5.70
CA PHE A 115 4.54 -10.41 -4.82
C PHE A 115 4.16 -11.66 -5.58
N THR A 116 4.99 -12.70 -5.37
CA THR A 116 4.75 -14.02 -5.95
C THR A 116 4.85 -15.14 -4.91
N MET A 117 3.82 -15.99 -4.95
CA MET A 117 3.80 -17.23 -4.23
C MET A 117 4.66 -18.32 -4.81
N ASP A 118 5.28 -18.12 -5.96
CA ASP A 118 6.31 -19.09 -6.43
C ASP A 118 7.40 -19.33 -5.41
N ASP A 119 7.89 -18.25 -4.79
CA ASP A 119 8.97 -18.31 -3.80
C ASP A 119 8.84 -17.28 -2.68
N MET A 120 7.64 -16.73 -2.51
CA MET A 120 7.35 -15.81 -1.41
C MET A 120 8.23 -14.57 -1.38
N SER A 121 8.41 -14.02 -2.55
CA SER A 121 9.18 -12.79 -2.75
C SER A 121 8.35 -11.71 -3.45
N TRP A 122 8.86 -10.48 -3.46
CA TRP A 122 8.44 -9.42 -4.33
C TRP A 122 9.43 -9.39 -5.49
N THR A 123 8.98 -9.91 -6.64
CA THR A 123 9.83 -10.04 -7.81
C THR A 123 9.60 -8.88 -8.76
N CYS A 124 10.50 -7.90 -8.70
CA CYS A 124 10.42 -6.73 -9.56
C CYS A 124 11.52 -6.74 -10.55
N GLY A 125 12.09 -7.91 -10.74
CA GLY A 125 13.25 -8.03 -11.59
C GLY A 125 13.74 -9.48 -11.58
N ASN A 126 14.77 -9.76 -12.38
CA ASN A 126 15.94 -8.89 -12.57
C ASN A 126 16.81 -8.98 -11.32
N GLN A 127 16.51 -10.03 -10.51
CA GLN A 127 17.35 -10.68 -9.50
C GLN A 127 17.89 -9.77 -8.43
N ASP A 128 18.60 -8.72 -8.84
CA ASP A 128 18.86 -7.53 -8.00
C ASP A 128 17.58 -6.96 -7.31
N TYR A 129 16.45 -6.97 -8.02
CA TYR A 129 15.19 -6.42 -7.58
C TYR A 129 14.16 -7.48 -7.22
N LYS A 130 14.63 -8.65 -6.82
CA LYS A 130 13.83 -9.65 -6.12
C LYS A 130 14.09 -9.45 -4.61
N TYR A 131 13.05 -9.14 -3.88
CA TYR A 131 13.20 -8.80 -2.48
C TYR A 131 12.61 -9.89 -1.65
N ARG A 132 13.39 -10.34 -0.68
CA ARG A 132 12.94 -11.35 0.23
C ARG A 132 12.94 -10.84 1.64
N VAL A 133 12.39 -11.67 2.53
CA VAL A 133 12.41 -11.43 3.94
C VAL A 133 13.79 -10.97 4.44
N SER A 134 14.84 -11.64 4.00
CA SER A 134 16.22 -11.29 4.35
C SER A 134 16.64 -9.88 3.93
N ASP A 135 16.05 -9.35 2.85
CA ASP A 135 16.39 -8.01 2.43
C ASP A 135 15.76 -7.00 3.36
N VAL A 136 14.61 -7.39 3.94
CA VAL A 136 13.89 -6.46 4.76
C VAL A 136 14.59 -6.36 6.13
N THR A 137 15.17 -7.45 6.58
CA THR A 137 15.89 -7.39 7.80
C THR A 137 17.22 -6.62 7.59
N LYS A 138 17.80 -6.65 6.39
CA LYS A 138 19.00 -5.82 6.09
C LYS A 138 18.73 -4.35 5.94
N ALA A 139 17.45 -3.97 5.91
CA ALA A 139 17.03 -2.57 6.04
C ALA A 139 16.66 -2.14 7.43
N GLY A 140 16.86 -3.00 8.45
CA GLY A 140 16.69 -2.66 9.87
C GLY A 140 15.34 -3.04 10.50
N HIS A 141 14.53 -3.81 9.80
CA HIS A 141 13.21 -4.19 10.31
C HIS A 141 13.35 -5.59 10.89
N SER A 142 12.37 -5.93 11.75
CA SER A 142 12.38 -7.19 12.47
C SER A 142 11.19 -8.07 12.02
N LEU A 143 11.21 -9.33 12.46
CA LEU A 143 10.21 -10.37 12.08
C LEU A 143 8.81 -10.02 12.55
N GLU A 144 8.72 -9.26 13.63
N GLU A 144 8.69 -9.26 13.65
CA GLU A 144 7.43 -8.78 14.12
CA GLU A 144 7.36 -8.77 14.10
C GLU A 144 6.68 -7.89 13.08
C GLU A 144 6.65 -8.00 12.98
N LEU A 145 7.41 -7.32 12.13
CA LEU A 145 6.77 -6.66 10.96
C LEU A 145 6.69 -7.63 9.80
N ILE A 146 7.82 -8.25 9.53
CA ILE A 146 8.01 -8.94 8.27
C ILE A 146 7.08 -10.15 8.14
N GLU A 147 7.00 -11.00 9.18
CA GLU A 147 6.19 -12.20 9.09
C GLU A 147 4.69 -11.93 8.86
N PRO A 148 4.11 -11.01 9.60
CA PRO A 148 2.71 -10.70 9.32
C PRO A 148 2.55 -9.97 7.97
N LEU A 149 3.61 -9.28 7.51
CA LEU A 149 3.54 -8.64 6.18
C LEU A 149 3.40 -9.74 5.13
N ILE A 150 4.14 -10.80 5.25
CA ILE A 150 4.13 -11.87 4.24
C ILE A 150 2.80 -12.64 4.31
N LYS A 151 2.29 -12.86 5.52
N LYS A 151 2.24 -12.84 5.50
CA LYS A 151 0.96 -13.45 5.73
CA LYS A 151 0.92 -13.49 5.64
C LYS A 151 -0.10 -12.66 5.01
C LYS A 151 -0.14 -12.66 5.00
N PHE A 152 -0.08 -11.34 5.21
CA PHE A 152 -0.97 -10.41 4.53
C PHE A 152 -0.88 -10.53 3.03
N GLN A 153 0.34 -10.59 2.47
CA GLN A 153 0.54 -10.72 1.02
C GLN A 153 -0.03 -12.04 0.47
N VAL A 154 0.21 -13.16 1.18
CA VAL A 154 -0.36 -14.43 0.78
C VAL A 154 -1.90 -14.37 0.85
N GLY A 155 -2.45 -13.83 1.92
CA GLY A 155 -3.93 -13.71 2.11
C GLY A 155 -4.58 -12.91 1.00
N LEU A 156 -3.92 -11.82 0.61
CA LEU A 156 -4.41 -10.93 -0.43
C LEU A 156 -4.33 -11.61 -1.76
N LYS A 157 -3.26 -12.30 -2.02
CA LYS A 157 -3.16 -13.05 -3.25
C LYS A 157 -4.26 -14.08 -3.44
N LYS A 158 -4.56 -14.80 -2.37
CA LYS A 158 -5.54 -15.86 -2.41
C LYS A 158 -6.98 -15.33 -2.54
N LEU A 159 -7.23 -14.04 -2.35
CA LEU A 159 -8.51 -13.47 -2.73
C LEU A 159 -8.74 -13.39 -4.28
N ASN A 160 -7.68 -13.51 -5.08
CA ASN A 160 -7.71 -13.43 -6.52
C ASN A 160 -8.51 -12.24 -6.96
N LEU A 161 -8.16 -11.08 -6.47
CA LEU A 161 -8.93 -9.93 -6.74
C LEU A 161 -8.83 -9.60 -8.25
N HIS A 162 -9.93 -9.13 -8.79
CA HIS A 162 -9.92 -8.47 -10.11
C HIS A 162 -9.20 -7.16 -9.92
N GLU A 163 -8.59 -6.67 -10.99
CA GLU A 163 -7.91 -5.43 -10.93
C GLU A 163 -8.84 -4.30 -10.49
N GLU A 164 -10.11 -4.41 -10.87
CA GLU A 164 -11.15 -3.43 -10.46
C GLU A 164 -11.28 -3.33 -8.93
N GLU A 165 -11.27 -4.50 -8.32
CA GLU A 165 -11.30 -4.64 -6.87
C GLU A 165 -10.06 -4.08 -6.13
N HIS A 166 -8.90 -4.39 -6.67
CA HIS A 166 -7.60 -3.91 -6.18
C HIS A 166 -7.52 -2.39 -6.17
N VAL A 167 -7.84 -1.77 -7.28
CA VAL A 167 -7.79 -0.29 -7.35
C VAL A 167 -8.84 0.39 -6.50
N LEU A 168 -10.03 -0.25 -6.38
CA LEU A 168 -11.07 0.29 -5.49
C LEU A 168 -10.60 0.15 -4.03
N LEU A 169 -10.01 -0.99 -3.70
CA LEU A 169 -9.50 -1.21 -2.34
C LEU A 169 -8.44 -0.21 -1.96
N MET A 170 -7.48 0.07 -2.84
CA MET A 170 -6.48 1.15 -2.60
C MET A 170 -7.13 2.51 -2.37
N ALA A 171 -8.12 2.86 -3.22
CA ALA A 171 -8.84 4.16 -3.07
C ALA A 171 -9.57 4.29 -1.72
N ILE A 172 -10.21 3.20 -1.29
CA ILE A 172 -10.97 3.15 -0.05
C ILE A 172 -10.00 3.26 1.12
N CYS A 173 -8.87 2.57 1.04
CA CYS A 173 -7.81 2.74 2.01
C CYS A 173 -7.37 4.20 2.20
N ILE A 174 -7.12 4.92 1.08
CA ILE A 174 -6.67 6.32 1.13
C ILE A 174 -7.73 7.24 1.74
N VAL A 175 -8.96 7.09 1.28
CA VAL A 175 -10.07 7.95 1.69
C VAL A 175 -10.83 7.37 2.95
N SER A 176 -10.18 7.40 4.10
CA SER A 176 -10.68 6.75 5.35
C SER A 176 -11.02 7.87 6.29
N PRO A 177 -12.28 7.93 6.72
CA PRO A 177 -12.62 9.12 7.50
C PRO A 177 -12.09 9.10 8.95
N ASP A 178 -11.63 7.95 9.41
CA ASP A 178 -11.18 7.77 10.77
C ASP A 178 -9.69 7.85 10.92
N ARG A 179 -8.99 8.57 10.06
CA ARG A 179 -7.57 8.85 10.28
C ARG A 179 -7.41 10.01 11.28
N PRO A 180 -6.40 9.94 12.18
CA PRO A 180 -6.20 11.05 13.12
C PRO A 180 -5.86 12.39 12.46
N GLY A 181 -6.49 13.47 12.91
CA GLY A 181 -6.20 14.79 12.40
C GLY A 181 -7.07 15.22 11.23
N VAL A 182 -7.94 14.36 10.74
CA VAL A 182 -8.81 14.77 9.64
C VAL A 182 -9.83 15.79 10.19
N GLN A 183 -10.20 16.73 9.33
N GLN A 183 -10.25 16.73 9.34
CA GLN A 183 -11.12 17.76 9.69
CA GLN A 183 -11.17 17.78 9.77
C GLN A 183 -12.53 17.33 9.26
C GLN A 183 -12.61 17.61 9.25
N ASP A 184 -12.77 17.34 7.95
CA ASP A 184 -14.10 17.05 7.42
C ASP A 184 -14.29 15.56 7.26
N ALA A 185 -14.49 14.86 8.36
CA ALA A 185 -14.68 13.43 8.33
C ALA A 185 -15.90 13.04 7.52
N ALA A 186 -16.91 13.91 7.53
CA ALA A 186 -18.18 13.64 6.84
C ALA A 186 -18.02 13.60 5.34
N LEU A 187 -17.22 14.53 4.81
CA LEU A 187 -16.95 14.58 3.35
C LEU A 187 -16.13 13.35 2.97
N ILE A 188 -15.16 13.05 3.82
CA ILE A 188 -14.25 11.94 3.55
C ILE A 188 -15.04 10.65 3.48
N GLU A 189 -15.94 10.46 4.44
CA GLU A 189 -16.86 9.33 4.48
C GLU A 189 -17.81 9.33 3.29
N ALA A 190 -18.29 10.49 2.85
CA ALA A 190 -19.14 10.54 1.66
C ALA A 190 -18.36 10.03 0.43
N ILE A 191 -17.11 10.42 0.31
CA ILE A 191 -16.28 10.00 -0.84
C ILE A 191 -16.02 8.50 -0.74
N GLN A 192 -15.70 8.05 0.47
CA GLN A 192 -15.38 6.66 0.67
C GLN A 192 -16.57 5.78 0.42
N ASP A 193 -17.75 6.20 0.89
CA ASP A 193 -19.00 5.39 0.68
C ASP A 193 -19.31 5.20 -0.80
N ARG A 194 -19.07 6.22 -1.61
CA ARG A 194 -19.29 6.16 -3.08
C ARG A 194 -18.39 5.05 -3.71
N LEU A 195 -17.15 4.99 -3.22
CA LEU A 195 -16.19 3.96 -3.60
C LEU A 195 -16.62 2.58 -3.05
N SER A 196 -17.01 2.54 -1.78
CA SER A 196 -17.35 1.26 -1.18
C SER A 196 -18.61 0.65 -1.80
N ASN A 197 -19.60 1.50 -2.07
CA ASN A 197 -20.77 1.05 -2.83
C ASN A 197 -20.40 0.58 -4.23
N THR A 198 -19.50 1.28 -4.91
CA THR A 198 -19.03 0.80 -6.23
C THR A 198 -18.44 -0.63 -6.09
N LEU A 199 -17.61 -0.83 -5.06
CA LEU A 199 -17.01 -2.15 -4.86
C LEU A 199 -18.02 -3.23 -4.51
N GLN A 200 -18.92 -2.97 -3.55
CA GLN A 200 -19.96 -3.99 -3.26
C GLN A 200 -20.79 -4.40 -4.47
N THR A 201 -21.26 -3.42 -5.24
CA THR A 201 -22.07 -3.64 -6.44
C THR A 201 -21.30 -4.46 -7.47
N TYR A 202 -20.07 -4.01 -7.76
CA TYR A 202 -19.17 -4.74 -8.67
C TYR A 202 -19.02 -6.20 -8.24
N ILE A 203 -18.66 -6.45 -6.98
CA ILE A 203 -18.43 -7.84 -6.54
C ILE A 203 -19.70 -8.67 -6.79
N ARG A 204 -20.85 -8.12 -6.43
CA ARG A 204 -22.15 -8.82 -6.59
C ARG A 204 -22.60 -9.04 -8.03
N CYS A 205 -22.30 -8.11 -8.93
CA CYS A 205 -22.73 -8.36 -10.27
C CYS A 205 -21.65 -8.83 -11.19
N ARG A 206 -20.37 -8.70 -10.82
CA ARG A 206 -19.23 -9.08 -11.73
C ARG A 206 -18.30 -10.18 -11.25
N HIS A 207 -18.46 -10.65 -10.03
CA HIS A 207 -17.48 -11.54 -9.50
C HIS A 207 -18.14 -12.90 -9.30
N PRO A 208 -17.70 -13.92 -10.05
CA PRO A 208 -18.22 -15.32 -9.92
C PRO A 208 -17.62 -16.03 -8.70
N PRO A 209 -18.10 -17.26 -8.33
CA PRO A 209 -19.30 -18.01 -8.69
C PRO A 209 -20.63 -17.23 -8.80
N PRO A 210 -21.07 -16.45 -7.75
CA PRO A 210 -20.50 -16.10 -6.43
C PRO A 210 -21.07 -16.79 -5.14
N GLY A 211 -20.23 -17.66 -4.54
CA GLY A 211 -20.25 -17.94 -3.09
C GLY A 211 -19.19 -17.07 -2.41
N SER A 212 -18.44 -16.32 -3.24
CA SER A 212 -17.59 -15.23 -2.76
C SER A 212 -18.38 -13.93 -2.57
N HIS A 213 -19.67 -14.00 -2.16
N HIS A 213 -19.66 -14.04 -2.21
CA HIS A 213 -20.31 -12.80 -1.57
CA HIS A 213 -20.39 -12.90 -1.64
C HIS A 213 -19.72 -12.51 -0.22
C HIS A 213 -19.91 -12.68 -0.16
N LEU A 214 -18.83 -13.39 0.26
CA LEU A 214 -18.06 -13.06 1.44
C LEU A 214 -16.82 -12.23 1.09
N LEU A 215 -16.64 -11.94 -0.22
CA LEU A 215 -15.44 -11.24 -0.66
C LEU A 215 -15.37 -9.85 -0.03
N TYR A 216 -16.47 -9.09 0.00
CA TYR A 216 -16.40 -7.75 0.50
C TYR A 216 -15.91 -7.74 1.98
N ALA A 217 -16.49 -8.58 2.86
CA ALA A 217 -16.01 -8.66 4.27
C ALA A 217 -14.55 -9.06 4.37
N LYS A 218 -14.10 -9.98 3.52
CA LYS A 218 -12.68 -10.28 3.47
C LYS A 218 -11.78 -9.08 3.14
N MET A 219 -12.20 -8.24 2.20
CA MET A 219 -11.42 -7.11 1.75
C MET A 219 -11.35 -6.09 2.89
N ILE A 220 -12.46 -5.92 3.58
CA ILE A 220 -12.59 -4.99 4.70
C ILE A 220 -11.65 -5.42 5.83
N GLN A 221 -11.63 -6.72 6.12
CA GLN A 221 -10.65 -7.31 7.05
C GLN A 221 -9.18 -7.02 6.70
N LYS A 222 -8.82 -7.11 5.41
CA LYS A 222 -7.47 -6.69 4.95
C LYS A 222 -7.13 -5.24 5.30
N LEU A 223 -8.12 -4.37 5.31
CA LEU A 223 -7.92 -2.98 5.66
C LEU A 223 -7.59 -2.90 7.15
N ALA A 224 -8.31 -3.67 7.93
CA ALA A 224 -7.99 -3.82 9.38
C ALA A 224 -6.57 -4.37 9.58
N ASP A 225 -6.22 -5.44 8.89
CA ASP A 225 -4.83 -5.99 8.98
C ASP A 225 -3.77 -4.90 8.67
N LEU A 226 -4.02 -4.10 7.64
CA LEU A 226 -3.09 -3.09 7.22
C LEU A 226 -2.88 -2.03 8.33
N ARG A 227 -3.95 -1.70 9.05
CA ARG A 227 -3.85 -0.80 10.22
C ARG A 227 -2.84 -1.32 11.20
N SER A 228 -2.88 -2.62 11.53
CA SER A 228 -1.88 -3.17 12.46
C SER A 228 -0.50 -3.13 11.92
N LEU A 229 -0.32 -3.43 10.64
CA LEU A 229 1.00 -3.37 10.01
C LEU A 229 1.53 -1.97 10.04
N ASN A 230 0.63 -1.02 9.85
CA ASN A 230 1.01 0.38 9.87
C ASN A 230 1.55 0.77 11.26
N GLU A 231 0.88 0.37 12.34
N GLU A 231 0.85 0.37 12.31
CA GLU A 231 1.42 0.70 13.68
CA GLU A 231 1.28 0.68 13.66
C GLU A 231 2.72 0.01 13.98
C GLU A 231 2.62 0.00 14.02
N GLU A 232 2.85 -1.25 13.59
CA GLU A 232 4.12 -1.96 13.79
C GLU A 232 5.26 -1.29 12.94
N HIS A 233 4.98 -1.02 11.68
CA HIS A 233 5.96 -0.28 10.88
C HIS A 233 6.44 1.02 11.54
N SER A 234 5.50 1.80 12.06
CA SER A 234 5.76 3.08 12.63
C SER A 234 6.67 2.92 13.83
N LYS A 235 6.33 1.96 14.68
CA LYS A 235 7.17 1.58 15.84
C LYS A 235 8.61 1.26 15.46
N GLN A 236 8.78 0.46 14.43
CA GLN A 236 10.12 0.09 14.00
C GLN A 236 10.87 1.23 13.31
N TYR A 237 10.13 2.06 12.55
CA TYR A 237 10.74 3.09 11.80
C TYR A 237 11.39 4.07 12.83
N ARG A 238 10.64 4.37 13.88
N ARG A 238 10.64 4.37 13.88
CA ARG A 238 11.05 5.25 14.95
CA ARG A 238 11.07 5.26 14.96
C ARG A 238 12.38 4.79 15.56
C ARG A 238 12.40 4.78 15.53
N CYS A 239 12.49 3.49 15.85
CA CYS A 239 13.75 2.88 16.37
C CYS A 239 14.92 2.87 15.36
N LEU A 240 14.58 2.45 14.16
CA LEU A 240 15.50 2.58 13.05
C LEU A 240 16.10 4.00 12.90
N SER A 241 15.25 4.99 13.02
CA SER A 241 15.68 6.38 12.84
C SER A 241 16.67 6.86 13.94
N PHE A 242 16.78 6.10 15.04
CA PHE A 242 17.77 6.40 16.09
C PHE A 242 19.18 6.02 15.67
N GLN A 243 19.33 5.26 14.60
CA GLN A 243 20.66 4.84 14.15
C GLN A 243 21.41 6.06 13.65
N PRO A 244 22.62 6.30 14.21
CA PRO A 244 23.28 7.53 13.75
C PRO A 244 23.49 7.55 12.24
N GLU A 245 23.26 8.73 11.67
CA GLU A 245 23.29 9.00 10.23
C GLU A 245 22.26 8.20 9.43
N CYS A 246 21.21 7.67 10.04
CA CYS A 246 20.14 7.04 9.25
C CYS A 246 19.54 7.96 8.15
N SER A 247 19.33 9.22 8.49
CA SER A 247 18.68 10.14 7.60
C SER A 247 19.26 10.18 6.13
N MET A 248 20.60 10.05 6.02
CA MET A 248 21.36 9.99 4.78
C MET A 248 20.86 8.81 3.90
N LYS A 249 20.49 7.70 4.53
CA LYS A 249 19.97 6.50 3.86
C LYS A 249 18.48 6.57 3.48
N LEU A 250 17.78 7.59 3.99
CA LEU A 250 16.37 7.76 3.69
C LEU A 250 16.25 8.78 2.56
N THR A 251 15.10 9.44 2.46
CA THR A 251 14.85 10.62 1.57
C THR A 251 13.98 11.63 2.35
N PRO A 252 14.01 12.90 1.96
CA PRO A 252 13.24 13.95 2.60
C PRO A 252 11.74 13.58 2.67
N LEU A 253 11.20 13.02 1.57
CA LEU A 253 9.83 12.58 1.53
C LEU A 253 9.60 11.45 2.56
N VAL A 254 10.50 10.51 2.67
CA VAL A 254 10.31 9.43 3.66
C VAL A 254 10.38 9.97 5.11
N LEU A 255 11.32 10.88 5.36
CA LEU A 255 11.49 11.47 6.65
C LEU A 255 10.25 12.17 7.10
N GLU A 256 9.65 12.90 6.17
CA GLU A 256 8.47 13.70 6.45
C GLU A 256 7.28 12.79 6.70
N VAL A 257 7.07 11.79 5.82
CA VAL A 257 5.87 10.98 5.91
C VAL A 257 5.93 10.16 7.24
N PHE A 258 7.09 9.57 7.57
CA PHE A 258 7.17 8.60 8.69
C PHE A 258 7.71 9.20 9.97
N GLY A 259 8.23 10.43 9.89
CA GLY A 259 8.94 11.06 11.06
C GLY A 259 8.13 11.39 12.31
O29 41W B . 10.73 1.61 6.90
C26 41W B . 11.43 1.72 5.65
C27 41W B . 11.52 3.17 5.32
C28 41W B . 12.81 1.02 5.74
C25 41W B . 10.55 1.04 4.58
C24 41W B . 10.15 -0.38 4.90
C23 41W B . 9.12 -0.90 3.88
C20 41W B . 9.02 -2.44 3.85
C21 41W B . 8.40 -2.81 5.17
C9 41W B . 8.25 -3.18 2.71
C6 41W B . 8.97 -3.48 1.42
C19 41W B . 9.65 -2.21 0.86
C1 41W B . 9.94 -4.63 1.57
C8 41W B . 6.90 -2.52 2.27
C7 41W B . 6.67 -2.93 0.84
C5 41W B . 7.79 -3.95 0.52
C4 41W B . 8.27 -4.41 -0.82
C3 41W B . 9.24 -5.54 -0.67
C2 41W B . 10.42 -4.99 0.18
C10 41W B . 8.01 -4.02 -2.12
C11 41W B . 7.14 -2.89 -2.44
C12 41W B . 7.01 -2.41 -3.69
C17 41W B . 6.20 -1.15 -3.89
C16 41W B . 5.38 -1.03 -5.18
O18 41W B . 5.12 0.37 -5.18
C15 41W B . 6.21 -1.49 -6.37
C14 41W B . 6.74 -2.92 -6.15
O22 41W B . 5.57 -3.69 -6.05
C13 41W B . 7.63 -3.04 -4.91
#